data_4EJ1
#
_entry.id   4EJ1
#
_cell.length_a   100.741
_cell.length_b   77.064
_cell.length_c   92.777
_cell.angle_alpha   90.00
_cell.angle_beta   92.00
_cell.angle_gamma   90.00
#
_symmetry.space_group_name_H-M   'C 1 2 1'
#
loop_
_entity.id
_entity.type
_entity.pdbx_description
1 polymer 'Dihydrofolate reductase'
2 polymer 'Nb113 camelid antibody fragment'
3 non-polymer 'FOLIC ACID'
4 non-polymer 'PHOSPHATE ION'
5 water water
#
loop_
_entity_poly.entity_id
_entity_poly.type
_entity_poly.pdbx_seq_one_letter_code
_entity_poly.pdbx_strand_id
1 'polypeptide(L)'
;MISLIAALAVDRVIGMENAMPWNLPADLAWFKRNTLNKPVIMGRHTWESIGRPLPGRKNIILSSQPGTDDRVTWVKSVDE
AIAACGDVPEIMVIGGGRVYEQFLPKAQKLYLTHIDAEVEGDTHFPDYEPDDWESVFSEFHDADAQNSHSYCFEILERR
;
A,B
2 'polypeptide(L)'
;QVQLQESGGGLVQAGGSLRLSCTASGRTFSSYAMGWFRQTPGKEREFVAAITWGGSTTLYADSVKGRFTMSRDNAKNTVY
LQMNSLKPEDTAVYYCAADGSQYRSTYSFRDKPDYGSWGQGTQVTVSSHHHHHH
;
C,D
#
# COMPACT_ATOMS: atom_id res chain seq x y z
N MET A 1 28.53 9.27 30.46
CA MET A 1 28.26 9.75 29.12
C MET A 1 26.80 10.19 29.02
N ILE A 2 26.53 11.14 28.13
CA ILE A 2 25.17 11.62 27.93
C ILE A 2 24.65 11.08 26.60
N SER A 3 23.42 10.57 26.60
CA SER A 3 22.81 10.01 25.39
C SER A 3 21.47 10.65 25.21
N LEU A 4 21.04 10.81 23.95
CA LEU A 4 19.68 11.20 23.67
C LEU A 4 18.92 10.01 23.05
N ILE A 5 17.68 9.80 23.47
CA ILE A 5 16.81 8.83 22.83
C ILE A 5 15.51 9.52 22.32
N ALA A 6 15.17 9.31 21.04
CA ALA A 6 14.03 9.99 20.43
C ALA A 6 13.40 9.15 19.32
N ALA A 7 12.13 9.42 19.06
CA ALA A 7 11.41 8.84 17.92
C ALA A 7 11.16 9.97 16.91
N LEU A 8 11.69 9.80 15.69
CA LEU A 8 11.61 10.83 14.66
C LEU A 8 10.81 10.34 13.46
N ALA A 9 9.78 11.10 13.08
CA ALA A 9 9.17 10.92 11.78
C ALA A 9 10.16 11.46 10.75
N VAL A 10 9.75 11.46 9.47
CA VAL A 10 10.63 11.99 8.43
C VAL A 10 10.86 13.48 8.69
N ASP A 11 11.96 14.02 8.15
CA ASP A 11 12.40 15.40 8.41
C ASP A 11 12.64 15.70 9.89
N ARG A 12 13.00 14.66 10.65
CA ARG A 12 13.29 14.77 12.08
C ARG A 12 12.14 15.33 12.91
N VAL A 13 10.91 15.26 12.39
CA VAL A 13 9.75 15.74 13.17
C VAL A 13 9.54 14.88 14.42
N ILE A 14 9.35 15.52 15.57
CA ILE A 14 9.06 14.79 16.81
C ILE A 14 7.80 15.31 17.46
N GLY A 15 7.27 14.54 18.42
CA GLY A 15 6.12 14.99 19.18
C GLY A 15 5.85 14.11 20.39
N MET A 16 4.77 14.42 21.10
CA MET A 16 4.33 13.59 22.21
C MET A 16 3.64 12.34 21.63
N GLU A 17 4.10 11.17 22.07
CA GLU A 17 3.63 9.89 21.53
C GLU A 17 2.13 9.68 21.55
N ASN A 18 1.47 10.17 22.61
CA ASN A 18 0.03 9.99 22.73
C ASN A 18 -0.77 10.85 21.74
N ALA A 19 -0.07 11.69 20.98
CA ALA A 19 -0.71 12.47 19.92
C ALA A 19 -0.11 12.23 18.53
N MET A 20 0.87 11.32 18.45
CA MET A 20 1.43 10.96 17.15
C MET A 20 0.51 9.95 16.46
N PRO A 21 0.33 10.08 15.13
CA PRO A 21 -0.64 9.27 14.38
C PRO A 21 -0.04 7.93 13.98
N TRP A 22 0.28 7.15 15.00
CA TRP A 22 0.88 5.83 14.83
C TRP A 22 0.71 5.03 16.10
N ASN A 23 0.90 3.72 15.99
CA ASN A 23 0.91 2.83 17.13
C ASN A 23 2.17 2.02 16.96
N LEU A 24 3.14 2.19 17.86
CA LEU A 24 4.40 1.46 17.75
C LEU A 24 4.88 0.86 19.07
N PRO A 25 4.17 -0.18 19.54
CA PRO A 25 4.59 -0.85 20.79
C PRO A 25 6.03 -1.32 20.75
N ALA A 26 6.56 -1.67 19.58
CA ALA A 26 7.93 -2.18 19.51
C ALA A 26 8.93 -1.09 19.85
N ASP A 27 8.59 0.14 19.48
CA ASP A 27 9.45 1.26 19.78
C ASP A 27 9.37 1.62 21.27
N LEU A 28 8.16 1.57 21.83
CA LEU A 28 8.00 1.82 23.26
C LEU A 28 8.80 0.83 24.10
N ALA A 29 8.83 -0.44 23.67
CA ALA A 29 9.63 -1.45 24.35
C ALA A 29 11.14 -1.21 24.21
N TRP A 30 11.52 -0.69 23.04
CA TRP A 30 12.90 -0.28 22.77
C TRP A 30 13.32 0.86 23.70
N PHE A 31 12.43 1.83 23.86
CA PHE A 31 12.69 2.96 24.74
C PHE A 31 12.90 2.48 26.18
N LYS A 32 11.99 1.65 26.66
CA LYS A 32 12.02 1.22 28.04
C LYS A 32 13.30 0.45 28.25
N ARG A 33 13.64 -0.38 27.26
CA ARG A 33 14.78 -1.28 27.41
C ARG A 33 16.09 -0.48 27.49
N ASN A 34 16.14 0.63 26.76
CA ASN A 34 17.35 1.45 26.68
C ASN A 34 17.43 2.55 27.73
N THR A 35 16.35 2.76 28.46
CA THR A 35 16.35 3.76 29.54
C THR A 35 16.32 3.15 30.94
N LEU A 36 15.79 1.94 31.06
CA LEU A 36 15.66 1.26 32.35
C LEU A 36 16.96 1.31 33.17
N ASN A 37 16.85 1.58 34.47
CA ASN A 37 18.01 1.62 35.37
C ASN A 37 19.01 2.74 35.08
N LYS A 38 18.55 3.81 34.45
CA LYS A 38 19.40 4.96 34.15
C LYS A 38 18.59 6.21 34.47
N PRO A 39 19.25 7.30 34.83
CA PRO A 39 18.54 8.59 35.01
C PRO A 39 17.97 9.06 33.69
N VAL A 40 16.75 9.61 33.72
CA VAL A 40 16.17 10.22 32.52
C VAL A 40 15.91 11.69 32.80
N ILE A 41 16.29 12.54 31.85
CA ILE A 41 16.12 13.97 31.99
C ILE A 41 15.09 14.38 30.96
N MET A 42 14.07 15.12 31.40
CA MET A 42 13.03 15.46 30.46
C MET A 42 12.55 16.88 30.73
N GLY A 43 11.94 17.47 29.72
CA GLY A 43 11.32 18.77 29.89
C GLY A 43 9.94 18.64 30.49
N ARG A 44 9.35 19.79 30.81
CA ARG A 44 8.07 19.85 31.52
C ARG A 44 6.90 19.30 30.73
N HIS A 45 6.78 19.68 29.46
CA HIS A 45 5.69 19.15 28.64
C HIS A 45 5.79 17.64 28.40
N THR A 46 7.01 17.13 28.33
CA THR A 46 7.25 15.69 28.26
C THR A 46 6.81 15.02 29.56
N TRP A 47 7.20 15.62 30.68
CA TRP A 47 6.69 15.20 31.99
C TRP A 47 5.16 15.14 32.04
N GLU A 48 4.51 16.18 31.57
CA GLU A 48 3.06 16.20 31.62
C GLU A 48 2.44 15.18 30.67
N SER A 49 3.11 14.93 29.54
CA SER A 49 2.55 14.01 28.56
C SER A 49 2.68 12.56 29.05
N ILE A 50 3.70 12.30 29.86
CA ILE A 50 3.90 10.96 30.41
C ILE A 50 2.91 10.67 31.54
N GLY A 51 2.74 11.63 32.46
CA GLY A 51 1.66 11.56 33.43
C GLY A 51 1.99 10.85 34.73
N ARG A 52 3.19 10.32 34.80
CA ARG A 52 3.63 9.51 35.94
C ARG A 52 5.12 9.37 35.83
N PRO A 53 5.81 9.13 36.96
CA PRO A 53 7.24 8.85 36.84
C PRO A 53 7.44 7.56 36.06
N LEU A 54 8.53 7.49 35.30
CA LEU A 54 8.91 6.24 34.65
C LEU A 54 9.54 5.37 35.73
N PRO A 55 8.97 4.17 35.94
CA PRO A 55 9.47 3.29 37.01
C PRO A 55 10.89 2.83 36.72
N GLY A 56 11.63 2.51 37.78
CA GLY A 56 12.97 1.96 37.61
C GLY A 56 13.99 2.93 37.06
N ARG A 57 13.64 4.22 37.01
CA ARG A 57 14.55 5.25 36.54
C ARG A 57 14.49 6.47 37.44
N LYS A 58 15.63 7.15 37.63
CA LYS A 58 15.59 8.44 38.33
C LYS A 58 15.04 9.48 37.35
N ASN A 59 13.89 10.07 37.66
CA ASN A 59 13.27 11.06 36.77
C ASN A 59 13.69 12.48 37.18
N ILE A 60 14.30 13.21 36.25
CA ILE A 60 14.71 14.58 36.47
C ILE A 60 13.98 15.48 35.46
N ILE A 61 13.31 16.51 35.96
CA ILE A 61 12.54 17.42 35.12
C ILE A 61 13.21 18.80 35.05
N LEU A 62 13.62 19.19 33.85
CA LEU A 62 14.28 20.47 33.62
C LEU A 62 13.20 21.48 33.30
N SER A 63 13.04 22.47 34.17
CA SER A 63 12.02 23.52 33.97
C SER A 63 12.38 24.81 34.72
N SER A 64 11.86 25.94 34.25
CA SER A 64 12.07 27.20 34.94
C SER A 64 11.04 27.37 36.05
N GLN A 65 10.03 26.50 36.03
CA GLN A 65 8.91 26.58 36.96
C GLN A 65 9.17 25.76 38.22
N PRO A 66 8.59 26.17 39.36
CA PRO A 66 8.71 25.35 40.57
C PRO A 66 8.08 23.97 40.37
N GLY A 67 8.53 22.97 41.14
CA GLY A 67 8.03 21.62 41.01
C GLY A 67 6.64 21.38 41.55
N THR A 68 5.99 20.32 41.06
CA THR A 68 4.62 19.99 41.46
C THR A 68 4.42 18.51 41.77
N ASP A 69 5.51 17.82 42.09
CA ASP A 69 5.47 16.39 42.37
C ASP A 69 6.80 15.97 43.01
N ASP A 70 6.72 15.46 44.24
CA ASP A 70 7.93 15.02 44.95
C ASP A 70 8.46 13.65 44.54
N ARG A 71 7.76 12.99 43.63
CA ARG A 71 8.22 11.69 43.15
C ARG A 71 9.36 11.85 42.15
N VAL A 72 9.54 13.07 41.66
CA VAL A 72 10.61 13.34 40.69
C VAL A 72 11.50 14.48 41.17
N THR A 73 12.65 14.63 40.52
CA THR A 73 13.59 15.67 40.88
C THR A 73 13.47 16.84 39.92
N TRP A 74 13.32 18.05 40.46
CA TRP A 74 13.14 19.27 39.66
C TRP A 74 14.41 20.12 39.64
N VAL A 75 14.91 20.42 38.45
CA VAL A 75 16.12 21.23 38.28
C VAL A 75 15.83 22.39 37.31
N LYS A 76 16.70 23.41 37.31
CA LYS A 76 16.40 24.64 36.59
C LYS A 76 17.38 24.93 35.46
N SER A 77 18.39 24.09 35.30
CA SER A 77 19.36 24.29 34.22
C SER A 77 19.98 22.98 33.76
N VAL A 78 20.61 23.01 32.59
CA VAL A 78 21.23 21.83 32.00
C VAL A 78 22.29 21.29 32.94
N ASP A 79 23.15 22.18 33.43
CA ASP A 79 24.21 21.75 34.33
C ASP A 79 23.63 21.14 35.61
N GLU A 80 22.53 21.71 36.10
CA GLU A 80 21.91 21.13 37.29
C GLU A 80 21.35 19.73 37.03
N ALA A 81 20.71 19.54 35.87
CA ALA A 81 20.15 18.24 35.52
C ALA A 81 21.24 17.17 35.50
N ILE A 82 22.39 17.53 34.94
CA ILE A 82 23.51 16.62 34.88
C ILE A 82 24.05 16.30 36.27
N ALA A 83 24.25 17.33 37.08
CA ALA A 83 24.74 17.16 38.45
C ALA A 83 23.79 16.27 39.25
N ALA A 84 22.50 16.48 39.05
CA ALA A 84 21.47 15.71 39.75
C ALA A 84 21.54 14.21 39.44
N CYS A 85 22.14 13.86 38.30
CA CYS A 85 22.28 12.44 37.92
C CYS A 85 23.33 11.70 38.74
N GLY A 86 24.24 12.45 39.37
CA GLY A 86 25.29 11.83 40.16
C GLY A 86 26.26 10.99 39.35
N ASP A 87 26.80 9.93 39.96
CA ASP A 87 27.83 9.13 39.32
C ASP A 87 27.24 7.86 38.69
N VAL A 88 26.91 7.95 37.41
CA VAL A 88 26.31 6.86 36.64
C VAL A 88 27.02 6.73 35.31
N PRO A 89 26.95 5.54 34.67
CA PRO A 89 27.67 5.32 33.41
C PRO A 89 27.02 6.01 32.24
N GLU A 90 25.70 6.21 32.28
CA GLU A 90 25.00 6.80 31.15
C GLU A 90 23.73 7.57 31.53
N ILE A 91 23.64 8.81 31.06
CA ILE A 91 22.48 9.67 31.30
C ILE A 91 21.61 9.72 30.04
N MET A 92 20.31 9.43 30.18
CA MET A 92 19.40 9.42 29.03
C MET A 92 18.57 10.69 29.01
N VAL A 93 18.69 11.41 27.91
CA VAL A 93 17.88 12.61 27.72
C VAL A 93 16.72 12.24 26.82
N ILE A 94 15.49 12.59 27.23
CA ILE A 94 14.29 12.02 26.61
C ILE A 94 13.37 13.10 26.07
N GLY A 95 13.96 14.27 25.86
CA GLY A 95 13.19 15.34 25.21
C GLY A 95 12.51 16.25 26.19
N GLY A 96 11.73 17.19 25.67
CA GLY A 96 11.46 17.23 24.24
C GLY A 96 12.38 18.12 23.42
N GLY A 97 11.82 18.81 22.43
CA GLY A 97 12.60 19.55 21.44
C GLY A 97 13.70 20.48 21.95
N ARG A 98 13.34 21.36 22.89
CA ARG A 98 14.32 22.30 23.42
C ARG A 98 15.36 21.61 24.29
N VAL A 99 14.94 20.55 24.98
CA VAL A 99 15.85 19.78 25.82
C VAL A 99 16.86 19.05 24.93
N TYR A 100 16.38 18.50 23.81
CA TYR A 100 17.26 17.83 22.86
C TYR A 100 18.29 18.83 22.32
N GLU A 101 17.83 20.03 21.94
CA GLU A 101 18.74 21.09 21.51
C GLU A 101 19.84 21.37 22.53
N GLN A 102 19.45 21.43 23.80
CA GLN A 102 20.35 21.85 24.86
C GLN A 102 21.41 20.80 25.16
N PHE A 103 21.01 19.54 25.03
CA PHE A 103 21.88 18.44 25.43
C PHE A 103 22.72 17.88 24.29
N LEU A 104 22.23 18.02 23.05
CA LEU A 104 22.94 17.47 21.89
C LEU A 104 24.45 17.75 21.87
N PRO A 105 24.86 19.02 22.09
CA PRO A 105 26.31 19.27 22.05
C PRO A 105 27.11 18.54 23.13
N LYS A 106 26.46 18.08 24.20
CA LYS A 106 27.17 17.39 25.29
C LYS A 106 27.08 15.87 25.14
N ALA A 107 26.33 15.43 24.16
CA ALA A 107 26.06 13.99 23.99
C ALA A 107 27.11 13.25 23.19
N GLN A 108 27.31 11.98 23.53
CA GLN A 108 28.21 11.11 22.79
C GLN A 108 27.42 10.07 21.98
N LYS A 109 26.16 9.85 22.35
CA LYS A 109 25.40 8.73 21.78
C LYS A 109 23.94 9.10 21.48
N LEU A 110 23.44 8.65 20.33
CA LEU A 110 22.04 8.84 19.99
C LEU A 110 21.34 7.48 19.78
N TYR A 111 20.13 7.35 20.33
CA TYR A 111 19.25 6.22 20.07
C TYR A 111 18.04 6.79 19.35
N LEU A 112 17.97 6.57 18.05
CA LEU A 112 16.90 7.14 17.25
C LEU A 112 16.01 6.03 16.72
N THR A 113 14.70 6.25 16.74
CA THR A 113 13.78 5.40 16.02
C THR A 113 13.23 6.23 14.88
N HIS A 114 13.44 5.79 13.63
CA HIS A 114 12.91 6.50 12.48
C HIS A 114 11.56 5.90 12.11
N ILE A 115 10.53 6.73 11.95
CA ILE A 115 9.20 6.22 11.67
C ILE A 115 8.79 6.64 10.29
N ASP A 116 8.28 5.68 9.51
CA ASP A 116 7.98 5.95 8.10
C ASP A 116 6.67 6.73 7.98
N ALA A 117 6.64 7.96 8.51
CA ALA A 117 5.43 8.77 8.38
C ALA A 117 5.74 10.23 8.17
N GLU A 118 4.83 10.88 7.46
CA GLU A 118 4.87 12.32 7.31
C GLU A 118 3.82 12.86 8.27
N VAL A 119 4.30 13.61 9.26
CA VAL A 119 3.42 14.21 10.26
C VAL A 119 3.74 15.70 10.38
N GLU A 120 2.71 16.54 10.35
CA GLU A 120 2.94 17.96 10.53
C GLU A 120 3.23 18.28 11.99
N GLY A 121 4.15 19.21 12.20
CA GLY A 121 4.59 19.61 13.52
C GLY A 121 5.70 20.63 13.37
N ASP A 122 5.85 21.49 14.35
CA ASP A 122 6.85 22.55 14.27
C ASP A 122 8.07 22.26 15.16
N THR A 123 8.10 21.06 15.72
CA THR A 123 9.20 20.64 16.57
C THR A 123 10.00 19.54 15.90
N HIS A 124 11.32 19.70 15.87
CA HIS A 124 12.20 18.73 15.21
C HIS A 124 13.36 18.36 16.11
N PHE A 125 13.83 17.12 15.99
CA PHE A 125 15.09 16.73 16.60
C PHE A 125 16.17 17.58 15.92
N PRO A 126 17.23 17.97 16.65
CA PRO A 126 18.18 18.89 16.02
C PRO A 126 18.97 18.21 14.91
N ASP A 127 19.60 18.98 14.03
CA ASP A 127 20.42 18.41 12.96
C ASP A 127 21.59 17.61 13.52
N TYR A 128 21.70 16.36 13.08
CA TYR A 128 22.90 15.55 13.38
C TYR A 128 23.54 15.14 12.06
N GLU A 129 24.77 15.59 11.83
CA GLU A 129 25.43 15.40 10.54
C GLU A 129 26.40 14.22 10.52
N PRO A 130 26.37 13.44 9.42
CA PRO A 130 27.17 12.22 9.20
C PRO A 130 28.64 12.47 9.53
N ASP A 131 29.08 13.69 9.24
CA ASP A 131 30.41 14.17 9.59
C ASP A 131 30.71 14.02 11.08
N ASP A 132 29.68 14.18 11.92
CA ASP A 132 29.87 14.19 13.36
C ASP A 132 29.45 12.90 14.03
N TRP A 133 28.55 12.17 13.37
CA TRP A 133 27.94 11.00 13.98
C TRP A 133 28.14 9.75 13.13
N GLU A 134 28.74 8.73 13.73
CA GLU A 134 28.89 7.45 13.06
C GLU A 134 27.76 6.52 13.44
N SER A 135 27.04 6.03 12.44
CA SER A 135 25.98 5.07 12.70
C SER A 135 26.63 3.72 13.01
N VAL A 136 26.34 3.16 14.19
CA VAL A 136 26.99 1.92 14.59
C VAL A 136 26.01 0.77 14.71
N PHE A 137 24.72 1.05 14.51
CA PHE A 137 23.68 0.03 14.62
C PHE A 137 22.46 0.49 13.84
N SER A 138 21.87 -0.43 13.08
CA SER A 138 20.58 -0.13 12.44
C SER A 138 19.80 -1.44 12.36
N GLU A 139 18.51 -1.36 12.62
CA GLU A 139 17.65 -2.54 12.66
C GLU A 139 16.27 -2.18 12.10
N PHE A 140 16.01 -2.64 10.87
CA PHE A 140 14.80 -2.28 10.12
C PHE A 140 13.63 -3.20 10.44
N HIS A 141 12.43 -2.64 10.53
CA HIS A 141 11.23 -3.43 10.77
C HIS A 141 10.09 -2.95 9.92
N ASP A 142 9.20 -3.86 9.56
CA ASP A 142 8.00 -3.46 8.81
C ASP A 142 6.78 -3.36 9.73
N ALA A 143 5.73 -2.73 9.21
CA ALA A 143 4.43 -2.67 9.90
C ALA A 143 3.89 -4.09 10.08
N ASP A 144 3.12 -4.31 11.14
CA ASP A 144 2.47 -5.60 11.38
C ASP A 144 1.18 -5.37 12.18
N ALA A 145 0.64 -6.43 12.79
CA ALA A 145 -0.61 -6.31 13.56
C ALA A 145 -0.54 -5.24 14.66
N GLN A 146 0.62 -5.14 15.31
CA GLN A 146 0.77 -4.26 16.46
C GLN A 146 1.34 -2.89 16.08
N ASN A 147 2.11 -2.86 15.00
CA ASN A 147 2.88 -1.67 14.65
C ASN A 147 2.45 -1.09 13.33
N SER A 148 2.08 0.19 13.33
CA SER A 148 1.37 0.78 12.20
C SER A 148 2.24 1.19 11.00
N HIS A 149 3.55 1.30 11.20
CA HIS A 149 4.41 1.82 10.14
C HIS A 149 5.72 1.10 10.19
N SER A 150 6.46 1.18 9.09
CA SER A 150 7.87 0.77 9.12
C SER A 150 8.59 1.67 10.13
N TYR A 151 9.52 1.08 10.89
CA TYR A 151 10.30 1.83 11.84
C TYR A 151 11.69 1.23 11.84
N CYS A 152 12.70 2.06 12.05
CA CYS A 152 14.07 1.59 12.03
C CYS A 152 14.79 2.16 13.25
N PHE A 153 15.35 1.27 14.06
CA PHE A 153 16.15 1.68 15.21
C PHE A 153 17.56 1.97 14.73
N GLU A 154 18.18 3.01 15.28
CA GLU A 154 19.53 3.37 14.91
C GLU A 154 20.27 3.88 16.14
N ILE A 155 21.51 3.44 16.32
CA ILE A 155 22.37 4.00 17.35
C ILE A 155 23.54 4.68 16.65
N LEU A 156 23.87 5.90 17.08
CA LEU A 156 24.99 6.63 16.51
C LEU A 156 25.94 7.05 17.62
N GLU A 157 27.22 7.16 17.28
CA GLU A 157 28.24 7.55 18.23
C GLU A 157 28.95 8.78 17.70
N ARG A 158 29.21 9.74 18.57
CA ARG A 158 29.90 10.95 18.13
C ARG A 158 31.30 10.57 17.70
N ARG A 159 31.70 11.02 16.51
CA ARG A 159 33.06 10.82 16.04
C ARG A 159 34.01 11.68 16.84
N MET B 1 -16.14 -29.40 -26.24
CA MET B 1 -16.69 -28.54 -25.20
C MET B 1 -16.38 -27.09 -25.53
N ILE B 2 -17.20 -26.18 -25.00
CA ILE B 2 -17.00 -24.77 -25.22
C ILE B 2 -16.54 -24.13 -23.91
N SER B 3 -15.48 -23.33 -23.97
CA SER B 3 -14.98 -22.62 -22.80
C SER B 3 -14.93 -21.14 -23.09
N LEU B 4 -15.18 -20.32 -22.06
CA LEU B 4 -14.97 -18.89 -22.18
C LEU B 4 -13.72 -18.53 -21.39
N ILE B 5 -12.93 -17.61 -21.91
CA ILE B 5 -11.78 -17.09 -21.18
C ILE B 5 -11.84 -15.57 -21.14
N ALA B 6 -11.75 -15.00 -19.94
CA ALA B 6 -11.95 -13.56 -19.78
C ALA B 6 -11.14 -13.03 -18.59
N ALA B 7 -10.77 -11.75 -18.67
CA ALA B 7 -10.14 -11.06 -17.55
C ALA B 7 -11.16 -10.08 -16.99
N LEU B 8 -11.51 -10.23 -15.72
CA LEU B 8 -12.55 -9.46 -15.06
C LEU B 8 -11.98 -8.58 -13.92
N ALA B 9 -12.21 -7.28 -13.99
CA ALA B 9 -12.00 -6.42 -12.81
C ALA B 9 -13.10 -6.76 -11.80
N VAL B 10 -13.13 -6.08 -10.65
CA VAL B 10 -14.22 -6.33 -9.70
C VAL B 10 -15.58 -6.00 -10.32
N ASP B 11 -16.64 -6.56 -9.75
CA ASP B 11 -18.01 -6.39 -10.27
C ASP B 11 -18.17 -6.93 -11.70
N ARG B 12 -17.31 -7.85 -12.09
CA ARG B 12 -17.37 -8.49 -13.42
C ARG B 12 -17.12 -7.53 -14.57
N VAL B 13 -16.53 -6.36 -14.30
CA VAL B 13 -16.21 -5.42 -15.39
C VAL B 13 -15.13 -5.99 -16.33
N ILE B 14 -15.39 -5.93 -17.63
CA ILE B 14 -14.39 -6.36 -18.63
C ILE B 14 -14.14 -5.24 -19.63
N GLY B 15 -13.10 -5.39 -20.45
CA GLY B 15 -12.79 -4.40 -21.47
C GLY B 15 -11.73 -4.90 -22.42
N MET B 16 -11.28 -4.03 -23.32
CA MET B 16 -10.17 -4.40 -24.19
C MET B 16 -8.87 -4.30 -23.42
N GLU B 17 -7.96 -5.23 -23.67
CA GLU B 17 -6.69 -5.35 -22.95
C GLU B 17 -5.92 -4.04 -22.79
N ASN B 18 -5.78 -3.28 -23.88
CA ASN B 18 -4.97 -2.05 -23.83
C ASN B 18 -5.55 -0.89 -23.00
N ALA B 19 -6.87 -0.70 -23.07
CA ALA B 19 -7.53 0.38 -22.33
C ALA B 19 -7.48 0.18 -20.82
N MET B 20 -7.33 -1.07 -20.38
CA MET B 20 -7.35 -1.39 -18.96
C MET B 20 -6.14 -0.85 -18.20
N PRO B 21 -6.38 -0.22 -17.03
CA PRO B 21 -5.36 0.46 -16.23
C PRO B 21 -4.52 -0.49 -15.39
N TRP B 22 -3.83 -1.41 -16.04
CA TRP B 22 -2.95 -2.34 -15.35
C TRP B 22 -1.95 -2.94 -16.30
N ASN B 23 -0.92 -3.59 -15.76
CA ASN B 23 -0.03 -4.40 -16.59
C ASN B 23 0.02 -5.76 -15.95
N LEU B 24 -0.49 -6.77 -16.66
CA LEU B 24 -0.52 -8.13 -16.13
C LEU B 24 0.04 -9.07 -17.17
N PRO B 25 1.36 -9.04 -17.38
CA PRO B 25 1.95 -9.95 -18.36
C PRO B 25 1.73 -11.40 -17.97
N ALA B 26 1.57 -11.68 -16.67
CA ALA B 26 1.31 -13.07 -16.24
C ALA B 26 -0.04 -13.52 -16.76
N ASP B 27 -0.99 -12.59 -16.87
CA ASP B 27 -2.31 -12.95 -17.40
C ASP B 27 -2.27 -13.14 -18.91
N LEU B 28 -1.50 -12.29 -19.59
CA LEU B 28 -1.29 -12.46 -21.03
C LEU B 28 -0.70 -13.84 -21.32
N ALA B 29 0.30 -14.25 -20.54
CA ALA B 29 0.92 -15.54 -20.76
C ALA B 29 -0.08 -16.66 -20.51
N TRP B 30 -0.89 -16.51 -19.47
CA TRP B 30 -1.96 -17.45 -19.13
C TRP B 30 -2.96 -17.59 -20.28
N PHE B 31 -3.39 -16.45 -20.84
CA PHE B 31 -4.29 -16.45 -21.97
C PHE B 31 -3.65 -17.18 -23.13
N LYS B 32 -2.39 -16.87 -23.41
CA LYS B 32 -1.74 -17.49 -24.55
C LYS B 32 -1.61 -18.99 -24.39
N ARG B 33 -1.12 -19.46 -23.25
CA ARG B 33 -0.92 -20.91 -23.19
C ARG B 33 -2.25 -21.69 -23.05
N ASN B 34 -3.31 -21.01 -22.61
CA ASN B 34 -4.63 -21.64 -22.55
C ASN B 34 -5.44 -21.62 -23.86
N THR B 35 -5.02 -20.81 -24.82
CA THR B 35 -5.72 -20.78 -26.11
C THR B 35 -4.91 -21.40 -27.24
N LEU B 36 -3.59 -21.46 -27.05
CA LEU B 36 -2.70 -22.06 -28.05
C LEU B 36 -3.18 -23.44 -28.50
N ASN B 37 -3.06 -23.71 -29.80
CA ASN B 37 -3.41 -25.00 -30.38
C ASN B 37 -4.90 -25.32 -30.22
N LYS B 38 -5.74 -24.28 -30.11
CA LYS B 38 -7.19 -24.44 -30.06
C LYS B 38 -7.86 -23.38 -30.93
N PRO B 39 -9.06 -23.69 -31.46
CA PRO B 39 -9.80 -22.61 -32.16
C PRO B 39 -10.32 -21.57 -31.18
N VAL B 40 -10.26 -20.29 -31.58
CA VAL B 40 -10.78 -19.20 -30.77
C VAL B 40 -11.90 -18.48 -31.53
N ILE B 41 -12.97 -18.17 -30.81
CA ILE B 41 -14.08 -17.41 -31.37
C ILE B 41 -14.12 -16.04 -30.73
N MET B 42 -14.18 -15.01 -31.56
CA MET B 42 -14.18 -13.65 -31.04
C MET B 42 -15.15 -12.80 -31.85
N GLY B 43 -15.61 -11.71 -31.23
CA GLY B 43 -16.43 -10.73 -31.92
C GLY B 43 -15.54 -9.75 -32.66
N ARG B 44 -16.16 -8.81 -33.37
CA ARG B 44 -15.39 -7.95 -34.27
C ARG B 44 -14.49 -6.92 -33.58
N HIS B 45 -14.97 -6.31 -32.49
CA HIS B 45 -14.16 -5.33 -31.76
C HIS B 45 -12.94 -6.00 -31.13
N THR B 46 -13.15 -7.19 -30.57
CA THR B 46 -12.05 -7.98 -30.05
C THR B 46 -11.00 -8.21 -31.15
N TRP B 47 -11.46 -8.68 -32.31
CA TRP B 47 -10.60 -8.84 -33.48
C TRP B 47 -9.83 -7.56 -33.80
N GLU B 48 -10.53 -6.44 -33.84
CA GLU B 48 -9.87 -5.16 -34.11
C GLU B 48 -8.85 -4.79 -33.05
N SER B 49 -9.14 -5.10 -31.79
CA SER B 49 -8.24 -4.71 -30.71
C SER B 49 -6.96 -5.54 -30.73
N ILE B 50 -7.06 -6.80 -31.15
CA ILE B 50 -5.89 -7.65 -31.30
C ILE B 50 -5.04 -7.20 -32.48
N GLY B 51 -5.68 -6.93 -33.61
CA GLY B 51 -5.02 -6.31 -34.76
C GLY B 51 -4.23 -7.23 -35.68
N ARG B 52 -4.35 -8.54 -35.45
CA ARG B 52 -3.60 -9.54 -36.20
C ARG B 52 -4.13 -10.89 -35.80
N PRO B 53 -3.98 -11.90 -36.65
CA PRO B 53 -4.45 -13.21 -36.22
C PRO B 53 -3.63 -13.69 -35.03
N LEU B 54 -4.26 -14.37 -34.09
CA LEU B 54 -3.52 -15.01 -33.01
C LEU B 54 -2.82 -16.23 -33.61
N PRO B 55 -1.49 -16.26 -33.55
CA PRO B 55 -0.71 -17.33 -34.17
C PRO B 55 -0.92 -18.66 -33.45
N GLY B 56 -0.89 -19.76 -34.20
CA GLY B 56 -0.99 -21.07 -33.60
C GLY B 56 -2.38 -21.42 -33.13
N ARG B 57 -3.37 -20.65 -33.60
CA ARG B 57 -4.77 -20.89 -33.26
C ARG B 57 -5.64 -20.62 -34.48
N LYS B 58 -6.71 -21.41 -34.63
CA LYS B 58 -7.70 -21.13 -35.65
C LYS B 58 -8.54 -19.93 -35.21
N ASN B 59 -8.47 -18.84 -35.95
CA ASN B 59 -9.20 -17.62 -35.58
C ASN B 59 -10.54 -17.53 -36.28
N ILE B 60 -11.60 -17.40 -35.50
CA ILE B 60 -12.95 -17.34 -36.04
C ILE B 60 -13.61 -16.06 -35.55
N ILE B 61 -14.05 -15.23 -36.48
CA ILE B 61 -14.64 -13.95 -36.13
C ILE B 61 -16.14 -13.99 -36.36
N LEU B 62 -16.93 -13.70 -35.33
CA LEU B 62 -18.39 -13.70 -35.44
C LEU B 62 -18.80 -12.26 -35.67
N SER B 63 -19.39 -11.98 -36.82
CA SER B 63 -19.74 -10.62 -37.22
C SER B 63 -20.83 -10.65 -38.27
N SER B 64 -21.75 -9.70 -38.19
CA SER B 64 -22.83 -9.65 -39.17
C SER B 64 -22.35 -9.03 -40.47
N GLN B 65 -21.13 -8.50 -40.45
CA GLN B 65 -20.62 -7.76 -41.60
C GLN B 65 -19.56 -8.56 -42.33
N PRO B 66 -19.35 -8.28 -43.63
CA PRO B 66 -18.40 -9.08 -44.41
C PRO B 66 -16.98 -8.91 -43.88
N GLY B 67 -16.19 -9.98 -43.95
CA GLY B 67 -14.83 -9.92 -43.46
C GLY B 67 -13.89 -9.03 -44.27
N THR B 68 -12.80 -8.60 -43.65
CA THR B 68 -11.82 -7.74 -44.31
C THR B 68 -10.42 -8.29 -44.16
N ASP B 69 -10.31 -9.59 -43.94
CA ASP B 69 -9.02 -10.24 -43.75
C ASP B 69 -9.14 -11.76 -43.92
N ASP B 70 -8.68 -12.27 -45.05
CA ASP B 70 -8.77 -13.71 -45.30
C ASP B 70 -7.71 -14.54 -44.57
N ARG B 71 -7.03 -13.95 -43.61
CA ARG B 71 -6.15 -14.74 -42.73
C ARG B 71 -6.98 -15.39 -41.64
N VAL B 72 -8.21 -14.92 -41.45
CA VAL B 72 -9.10 -15.47 -40.44
C VAL B 72 -10.43 -15.92 -41.04
N THR B 73 -11.20 -16.68 -40.28
CA THR B 73 -12.51 -17.17 -40.74
C THR B 73 -13.64 -16.29 -40.21
N TRP B 74 -14.54 -15.89 -41.10
CA TRP B 74 -15.64 -15.00 -40.74
C TRP B 74 -16.97 -15.76 -40.81
N VAL B 75 -17.74 -15.72 -39.72
CA VAL B 75 -19.04 -16.39 -39.66
C VAL B 75 -20.11 -15.42 -39.15
N LYS B 76 -21.38 -15.76 -39.37
CA LYS B 76 -22.48 -14.85 -39.07
C LYS B 76 -23.45 -15.32 -38.00
N SER B 77 -23.17 -16.48 -37.40
CA SER B 77 -24.01 -16.96 -36.32
C SER B 77 -23.21 -17.79 -35.32
N VAL B 78 -23.76 -17.90 -34.12
CA VAL B 78 -23.16 -18.70 -33.06
C VAL B 78 -22.94 -20.15 -33.51
N ASP B 79 -23.97 -20.76 -34.08
CA ASP B 79 -23.86 -22.15 -34.55
C ASP B 79 -22.81 -22.28 -35.65
N GLU B 80 -22.69 -21.29 -36.54
CA GLU B 80 -21.71 -21.38 -37.61
C GLU B 80 -20.30 -21.27 -37.05
N ALA B 81 -20.15 -20.44 -36.01
CA ALA B 81 -18.86 -20.28 -35.32
C ALA B 81 -18.40 -21.62 -34.74
N ILE B 82 -19.32 -22.29 -34.04
CA ILE B 82 -19.01 -23.58 -33.43
C ILE B 82 -18.63 -24.60 -34.52
N ALA B 83 -19.42 -24.66 -35.57
CA ALA B 83 -19.16 -25.60 -36.66
C ALA B 83 -17.83 -25.32 -37.33
N ALA B 84 -17.47 -24.05 -37.42
CA ALA B 84 -16.22 -23.65 -38.07
C ALA B 84 -14.98 -24.12 -37.30
N CYS B 85 -15.15 -24.48 -36.03
CA CYS B 85 -14.05 -24.94 -35.19
C CYS B 85 -13.70 -26.39 -35.50
N GLY B 86 -14.64 -27.09 -36.12
CA GLY B 86 -14.45 -28.47 -36.48
C GLY B 86 -14.46 -29.37 -35.26
N ASP B 87 -13.88 -30.54 -35.42
CA ASP B 87 -13.90 -31.62 -34.43
C ASP B 87 -12.74 -31.47 -33.44
N VAL B 88 -12.97 -30.75 -32.34
CA VAL B 88 -11.89 -30.47 -31.37
C VAL B 88 -12.34 -30.69 -29.93
N PRO B 89 -11.39 -31.02 -29.03
CA PRO B 89 -11.70 -31.23 -27.61
C PRO B 89 -12.25 -29.98 -26.93
N GLU B 90 -11.75 -28.81 -27.32
CA GLU B 90 -12.10 -27.59 -26.62
C GLU B 90 -12.10 -26.36 -27.54
N ILE B 91 -13.18 -25.61 -27.48
CA ILE B 91 -13.29 -24.33 -28.19
C ILE B 91 -13.17 -23.19 -27.18
N MET B 92 -12.34 -22.20 -27.50
CA MET B 92 -12.12 -21.09 -26.59
C MET B 92 -12.86 -19.85 -27.13
N VAL B 93 -13.80 -19.33 -26.34
CA VAL B 93 -14.49 -18.09 -26.72
C VAL B 93 -13.81 -16.96 -25.96
N ILE B 94 -13.34 -15.95 -26.69
CA ILE B 94 -12.46 -14.95 -26.11
C ILE B 94 -13.11 -13.56 -26.14
N GLY B 95 -14.44 -13.53 -26.26
CA GLY B 95 -15.15 -12.26 -26.12
C GLY B 95 -15.43 -11.54 -27.42
N GLY B 96 -15.89 -10.30 -27.33
CA GLY B 96 -16.08 -9.66 -26.04
C GLY B 96 -17.49 -9.82 -25.45
N GLY B 97 -17.99 -8.76 -24.82
CA GLY B 97 -19.21 -8.83 -24.01
C GLY B 97 -20.39 -9.55 -24.62
N ARG B 98 -20.79 -9.15 -25.82
CA ARG B 98 -21.94 -9.76 -26.48
C ARG B 98 -21.68 -11.23 -26.82
N VAL B 99 -20.45 -11.52 -27.21
CA VAL B 99 -20.07 -12.88 -27.54
C VAL B 99 -20.15 -13.76 -26.28
N TYR B 100 -19.63 -13.25 -25.17
CA TYR B 100 -19.70 -13.97 -23.90
C TYR B 100 -21.16 -14.26 -23.56
N GLU B 101 -22.04 -13.26 -23.71
CA GLU B 101 -23.46 -13.46 -23.46
C GLU B 101 -24.07 -14.57 -24.31
N GLN B 102 -23.70 -14.61 -25.60
CA GLN B 102 -24.27 -15.58 -26.52
C GLN B 102 -23.79 -16.99 -26.21
N PHE B 103 -22.53 -17.13 -25.81
CA PHE B 103 -21.91 -18.45 -25.67
C PHE B 103 -22.02 -19.08 -24.30
N LEU B 104 -22.22 -18.28 -23.26
CA LEU B 104 -22.28 -18.82 -21.90
C LEU B 104 -23.28 -19.99 -21.69
N PRO B 105 -24.51 -19.90 -22.24
CA PRO B 105 -25.41 -21.03 -22.04
C PRO B 105 -24.94 -22.34 -22.67
N LYS B 106 -24.00 -22.24 -23.61
CA LYS B 106 -23.46 -23.43 -24.30
C LYS B 106 -22.14 -23.89 -23.67
N ALA B 107 -21.58 -23.07 -22.79
CA ALA B 107 -20.25 -23.32 -22.23
C ALA B 107 -20.26 -24.36 -21.13
N GLN B 108 -19.18 -25.12 -21.06
CA GLN B 108 -19.01 -26.10 -20.00
C GLN B 108 -17.94 -25.62 -19.00
N LYS B 109 -17.13 -24.65 -19.42
CA LYS B 109 -15.99 -24.24 -18.59
C LYS B 109 -15.67 -22.75 -18.70
N LEU B 110 -15.22 -22.16 -17.59
CA LEU B 110 -14.79 -20.76 -17.60
C LEU B 110 -13.37 -20.65 -17.10
N TYR B 111 -12.55 -19.88 -17.82
CA TYR B 111 -11.20 -19.52 -17.38
C TYR B 111 -11.27 -18.04 -17.08
N LEU B 112 -11.29 -17.68 -15.80
CA LEU B 112 -11.44 -16.27 -15.43
C LEU B 112 -10.20 -15.75 -14.72
N THR B 113 -9.79 -14.56 -15.10
CA THR B 113 -8.74 -13.90 -14.34
C THR B 113 -9.39 -12.75 -13.61
N HIS B 114 -9.34 -12.80 -12.29
CA HIS B 114 -9.87 -11.73 -11.46
C HIS B 114 -8.77 -10.72 -11.20
N ILE B 115 -9.07 -9.45 -11.44
CA ILE B 115 -8.06 -8.42 -11.23
C ILE B 115 -8.48 -7.49 -10.10
N ASP B 116 -7.55 -7.22 -9.19
CA ASP B 116 -7.88 -6.42 -8.02
C ASP B 116 -7.93 -4.92 -8.33
N ALA B 117 -8.90 -4.53 -9.15
CA ALA B 117 -8.98 -3.14 -9.52
C ALA B 117 -10.42 -2.76 -9.77
N GLU B 118 -10.78 -1.53 -9.42
CA GLU B 118 -12.10 -1.00 -9.72
C GLU B 118 -11.95 -0.18 -10.98
N VAL B 119 -12.69 -0.57 -12.02
CA VAL B 119 -12.62 0.11 -13.31
C VAL B 119 -14.03 0.46 -13.75
N GLU B 120 -14.27 1.70 -14.17
CA GLU B 120 -15.57 1.97 -14.75
C GLU B 120 -15.60 1.40 -16.17
N GLY B 121 -16.51 0.48 -16.42
CA GLY B 121 -16.68 -0.09 -17.75
C GLY B 121 -18.13 -0.01 -18.21
N ASP B 122 -18.36 -0.26 -19.50
CA ASP B 122 -19.71 -0.24 -20.05
C ASP B 122 -20.17 -1.66 -20.29
N THR B 123 -19.28 -2.60 -20.03
CA THR B 123 -19.46 -3.99 -20.41
C THR B 123 -19.15 -4.85 -19.21
N HIS B 124 -19.92 -5.90 -19.00
CA HIS B 124 -19.65 -6.82 -17.88
C HIS B 124 -19.74 -8.24 -18.39
N PHE B 125 -18.94 -9.11 -17.79
CA PHE B 125 -19.06 -10.53 -18.04
C PHE B 125 -20.39 -10.97 -17.45
N PRO B 126 -21.09 -11.90 -18.10
CA PRO B 126 -22.43 -12.20 -17.60
C PRO B 126 -22.38 -12.89 -16.23
N ASP B 127 -23.50 -12.84 -15.50
CA ASP B 127 -23.55 -13.45 -14.18
C ASP B 127 -23.33 -14.96 -14.26
N TYR B 128 -22.41 -15.47 -13.45
CA TYR B 128 -22.26 -16.90 -13.28
C TYR B 128 -22.52 -17.24 -11.81
N GLU B 129 -23.69 -17.81 -11.54
CA GLU B 129 -24.07 -18.08 -10.16
C GLU B 129 -23.49 -19.41 -9.65
N PRO B 130 -23.02 -19.41 -8.40
CA PRO B 130 -22.30 -20.54 -7.79
C PRO B 130 -23.17 -21.79 -7.64
N ASP B 131 -24.45 -21.72 -7.99
CA ASP B 131 -25.28 -22.91 -8.05
C ASP B 131 -25.17 -23.62 -9.40
N ASP B 132 -24.69 -22.90 -10.41
CA ASP B 132 -24.54 -23.47 -11.75
C ASP B 132 -23.09 -23.84 -12.01
N TRP B 133 -22.18 -23.19 -11.30
CA TRP B 133 -20.75 -23.33 -11.58
C TRP B 133 -19.94 -23.82 -10.39
N GLU B 134 -19.09 -24.81 -10.63
CA GLU B 134 -18.18 -25.32 -9.59
C GLU B 134 -16.77 -24.82 -9.83
N SER B 135 -16.17 -24.19 -8.82
CA SER B 135 -14.80 -23.73 -8.94
C SER B 135 -13.84 -24.89 -8.69
N VAL B 136 -13.11 -25.32 -9.70
CA VAL B 136 -12.25 -26.48 -9.55
C VAL B 136 -10.79 -26.11 -9.34
N PHE B 137 -10.45 -24.85 -9.58
CA PHE B 137 -9.08 -24.38 -9.41
C PHE B 137 -9.05 -22.87 -9.21
N SER B 138 -8.26 -22.40 -8.26
CA SER B 138 -8.06 -20.98 -8.02
C SER B 138 -6.57 -20.75 -7.77
N GLU B 139 -5.97 -19.76 -8.41
CA GLU B 139 -4.53 -19.49 -8.22
C GLU B 139 -4.29 -18.01 -7.95
N PHE B 140 -3.98 -17.69 -6.70
CA PHE B 140 -3.84 -16.29 -6.25
C PHE B 140 -2.41 -15.77 -6.42
N HIS B 141 -2.29 -14.52 -6.86
CA HIS B 141 -0.99 -13.89 -7.08
C HIS B 141 -1.01 -12.47 -6.60
N ASP B 142 0.12 -11.99 -6.07
CA ASP B 142 0.24 -10.58 -5.71
C ASP B 142 0.95 -9.77 -6.80
N ALA B 143 0.89 -8.45 -6.69
CA ALA B 143 1.61 -7.60 -7.65
C ALA B 143 3.12 -7.80 -7.51
N ASP B 144 3.85 -7.52 -8.58
CA ASP B 144 5.32 -7.59 -8.53
C ASP B 144 5.95 -6.62 -9.50
N ALA B 145 7.20 -6.87 -9.89
CA ALA B 145 7.89 -5.95 -10.78
C ALA B 145 7.18 -5.85 -12.13
N GLN B 146 6.59 -6.96 -12.55
CA GLN B 146 5.99 -7.01 -13.87
C GLN B 146 4.49 -6.85 -13.82
N ASN B 147 3.89 -7.24 -12.69
CA ASN B 147 2.42 -7.25 -12.57
C ASN B 147 1.92 -6.19 -11.59
N SER B 148 0.99 -5.34 -12.04
CA SER B 148 0.67 -4.13 -11.29
C SER B 148 -0.34 -4.31 -10.16
N HIS B 149 -1.08 -5.43 -10.19
CA HIS B 149 -2.16 -5.68 -9.23
C HIS B 149 -2.17 -7.15 -8.84
N SER B 150 -2.81 -7.44 -7.70
CA SER B 150 -3.12 -8.83 -7.38
C SER B 150 -4.02 -9.39 -8.46
N TYR B 151 -3.86 -10.66 -8.78
CA TYR B 151 -4.70 -11.31 -9.78
C TYR B 151 -4.90 -12.75 -9.39
N CYS B 152 -6.07 -13.27 -9.72
CA CYS B 152 -6.37 -14.64 -9.35
C CYS B 152 -6.93 -15.41 -10.54
N PHE B 153 -6.27 -16.47 -10.94
CA PHE B 153 -6.80 -17.29 -12.03
C PHE B 153 -7.85 -18.22 -11.44
N GLU B 154 -8.93 -18.48 -12.17
CA GLU B 154 -9.96 -19.39 -11.67
C GLU B 154 -10.50 -20.21 -12.82
N ILE B 155 -10.73 -21.50 -12.57
CA ILE B 155 -11.36 -22.33 -13.57
C ILE B 155 -12.62 -22.89 -12.97
N LEU B 156 -13.73 -22.72 -13.69
CA LEU B 156 -15.01 -23.20 -13.20
C LEU B 156 -15.59 -24.18 -14.19
N GLU B 157 -16.37 -25.12 -13.68
CA GLU B 157 -17.02 -26.10 -14.53
C GLU B 157 -18.50 -26.10 -14.23
N ARG B 158 -19.31 -26.23 -15.28
CA ARG B 158 -20.76 -26.23 -15.12
C ARG B 158 -21.16 -27.46 -14.32
N ARG B 159 -22.02 -27.24 -13.32
CA ARG B 159 -22.56 -28.35 -12.53
C ARG B 159 -23.62 -29.07 -13.35
N GLN C 3 -14.70 -17.43 9.46
CA GLN C 3 -14.48 -17.19 10.89
C GLN C 3 -13.59 -15.96 11.09
N LEU C 4 -14.16 -14.92 11.69
CA LEU C 4 -13.44 -13.65 11.86
C LEU C 4 -13.28 -13.30 13.33
N GLN C 5 -12.10 -12.79 13.68
CA GLN C 5 -11.82 -12.44 15.07
C GLN C 5 -11.10 -11.10 15.13
N GLU C 6 -11.74 -10.10 15.74
CA GLU C 6 -11.14 -8.78 15.92
C GLU C 6 -10.29 -8.72 17.17
N SER C 7 -9.33 -7.78 17.19
CA SER C 7 -8.57 -7.50 18.41
C SER C 7 -7.96 -6.11 18.31
N GLY C 8 -7.48 -5.57 19.43
CA GLY C 8 -6.82 -4.28 19.42
C GLY C 8 -7.64 -3.15 20.04
N GLY C 9 -8.84 -3.47 20.49
CA GLY C 9 -9.70 -2.46 21.10
C GLY C 9 -9.26 -2.07 22.50
N GLY C 10 -9.68 -0.89 22.95
CA GLY C 10 -9.39 -0.45 24.31
C GLY C 10 -9.65 1.03 24.51
N LEU C 11 -9.19 1.56 25.64
CA LEU C 11 -9.30 2.98 25.94
C LEU C 11 -8.16 3.78 25.31
N VAL C 12 -8.46 4.95 24.78
CA VAL C 12 -7.42 5.86 24.30
C VAL C 12 -7.86 7.29 24.55
N GLN C 13 -6.91 8.18 24.79
CA GLN C 13 -7.24 9.59 24.95
C GLN C 13 -7.58 10.19 23.59
N ALA C 14 -8.44 11.19 23.58
CA ALA C 14 -8.77 11.86 22.33
C ALA C 14 -7.47 12.38 21.70
N GLY C 15 -7.38 12.27 20.38
CA GLY C 15 -6.19 12.65 19.65
C GLY C 15 -5.22 11.49 19.48
N GLY C 16 -5.40 10.44 20.28
CA GLY C 16 -4.52 9.29 20.20
C GLY C 16 -4.89 8.32 19.09
N SER C 17 -4.14 7.22 19.01
CA SER C 17 -4.31 6.24 17.96
C SER C 17 -4.58 4.82 18.52
N LEU C 18 -5.29 4.02 17.73
CA LEU C 18 -5.43 2.59 18.00
C LEU C 18 -5.34 1.81 16.70
N ARG C 19 -4.89 0.56 16.80
CA ARG C 19 -4.75 -0.29 15.62
C ARG C 19 -5.53 -1.58 15.84
N LEU C 20 -6.57 -1.78 15.02
CA LEU C 20 -7.38 -2.99 15.13
C LEU C 20 -6.98 -3.97 14.06
N SER C 21 -7.05 -5.25 14.39
CA SER C 21 -6.86 -6.28 13.39
C SER C 21 -8.06 -7.21 13.37
N CYS C 22 -8.28 -7.83 12.22
CA CYS C 22 -9.34 -8.79 12.03
C CYS C 22 -8.70 -9.94 11.27
N THR C 23 -8.56 -11.09 11.93
CA THR C 23 -7.93 -12.24 11.29
C THR C 23 -8.96 -13.30 10.93
N ALA C 24 -8.76 -13.93 9.78
CA ALA C 24 -9.70 -14.93 9.30
C ALA C 24 -9.14 -16.33 9.54
N SER C 25 -10.02 -17.25 9.93
CA SER C 25 -9.65 -18.66 10.13
C SER C 25 -10.49 -19.54 9.21
N GLY C 26 -10.06 -20.77 9.00
CA GLY C 26 -10.65 -21.58 7.95
C GLY C 26 -10.18 -21.00 6.63
N ARG C 27 -10.98 -20.11 6.04
CA ARG C 27 -10.52 -19.24 4.95
C ARG C 27 -10.04 -20.13 3.75
N THR C 28 -9.31 -19.64 2.72
CA THR C 28 -8.90 -18.25 2.49
C THR C 28 -10.08 -17.33 2.21
N PHE C 29 -9.98 -16.10 2.71
CA PHE C 29 -10.99 -15.08 2.51
C PHE C 29 -10.60 -14.17 1.34
N SER C 30 -9.59 -14.57 0.58
CA SER C 30 -8.93 -13.64 -0.32
C SER C 30 -9.65 -13.42 -1.65
N SER C 31 -10.87 -13.96 -1.79
CA SER C 31 -11.68 -13.62 -2.96
C SER C 31 -12.80 -12.65 -2.57
N TYR C 32 -12.81 -12.23 -1.30
CA TYR C 32 -13.89 -11.38 -0.79
C TYR C 32 -13.41 -10.01 -0.32
N ALA C 33 -14.20 -9.00 -0.64
CA ALA C 33 -14.06 -7.70 0.00
C ALA C 33 -14.26 -7.85 1.51
N MET C 34 -13.62 -6.96 2.26
CA MET C 34 -13.76 -6.92 3.71
C MET C 34 -14.18 -5.54 4.15
N GLY C 35 -14.87 -5.46 5.29
CA GLY C 35 -15.32 -4.17 5.77
C GLY C 35 -15.20 -4.03 7.28
N TRP C 36 -15.03 -2.79 7.74
CA TRP C 36 -15.12 -2.45 9.16
C TRP C 36 -16.42 -1.69 9.40
N PHE C 37 -17.09 -2.00 10.50
CA PHE C 37 -18.35 -1.36 10.85
C PHE C 37 -18.27 -0.97 12.33
N ARG C 38 -19.15 -0.10 12.78
CA ARG C 38 -19.15 0.22 14.20
C ARG C 38 -20.55 0.46 14.69
N GLN C 39 -20.77 0.18 15.97
CA GLN C 39 -22.08 0.37 16.55
C GLN C 39 -21.95 0.74 18.01
N THR C 40 -22.63 1.81 18.38
CA THR C 40 -22.62 2.24 19.77
C THR C 40 -24.05 2.27 20.26
N PRO C 41 -24.25 1.89 21.53
CA PRO C 41 -25.55 1.90 22.19
C PRO C 41 -26.28 3.22 21.94
N GLY C 42 -27.50 3.14 21.42
CA GLY C 42 -28.28 4.33 21.13
C GLY C 42 -28.35 4.67 19.65
N LYS C 43 -27.54 3.99 18.83
CA LYS C 43 -27.46 4.33 17.42
C LYS C 43 -27.42 3.14 16.45
N GLU C 44 -27.70 3.41 15.18
CA GLU C 44 -27.59 2.44 14.10
C GLU C 44 -26.17 1.92 13.94
N ARG C 45 -26.02 0.76 13.31
CA ARG C 45 -24.71 0.30 12.87
C ARG C 45 -24.22 1.18 11.72
N GLU C 46 -22.94 1.49 11.71
CA GLU C 46 -22.40 2.45 10.75
C GLU C 46 -21.27 1.83 9.93
N PHE C 47 -21.33 1.98 8.61
CA PHE C 47 -20.23 1.61 7.73
C PHE C 47 -19.03 2.48 8.06
N VAL C 48 -17.86 1.88 8.19
CA VAL C 48 -16.65 2.65 8.47
C VAL C 48 -15.68 2.64 7.28
N ALA C 49 -15.36 1.45 6.80
CA ALA C 49 -14.43 1.29 5.67
C ALA C 49 -14.59 -0.05 4.95
N ALA C 50 -14.23 -0.07 3.67
CA ALA C 50 -14.18 -1.32 2.91
C ALA C 50 -12.89 -1.38 2.10
N ILE C 51 -12.51 -2.61 1.75
CA ILE C 51 -11.29 -2.89 0.97
C ILE C 51 -11.54 -4.06 -0.01
N THR C 52 -10.97 -3.98 -1.20
CA THR C 52 -11.25 -5.00 -2.21
C THR C 52 -10.47 -6.24 -1.83
N TRP C 53 -10.84 -7.37 -2.45
CA TRP C 53 -10.22 -8.68 -2.14
C TRP C 53 -8.70 -8.68 -2.14
N GLY C 54 -8.10 -7.95 -3.07
CA GLY C 54 -6.66 -8.00 -3.19
C GLY C 54 -5.96 -6.91 -2.41
N GLY C 55 -6.74 -5.96 -1.87
CA GLY C 55 -6.25 -4.98 -0.92
C GLY C 55 -5.86 -3.65 -1.53
N SER C 56 -6.12 -3.45 -2.82
CA SER C 56 -5.54 -2.29 -3.49
C SER C 56 -6.44 -1.09 -3.35
N THR C 57 -7.72 -1.34 -3.09
CA THR C 57 -8.67 -0.21 -3.21
C THR C 57 -9.57 -0.08 -1.98
N THR C 58 -9.76 1.15 -1.48
CA THR C 58 -10.48 1.35 -0.22
C THR C 58 -11.57 2.38 -0.37
N LEU C 59 -12.53 2.36 0.55
CA LEU C 59 -13.66 3.31 0.59
C LEU C 59 -13.91 3.59 2.07
N TYR C 60 -14.08 4.85 2.43
CA TYR C 60 -14.26 5.24 3.84
C TYR C 60 -15.53 6.06 3.99
N ALA C 61 -16.11 6.03 5.20
CA ALA C 61 -17.19 6.94 5.57
C ALA C 61 -16.61 8.34 5.67
N ASP C 62 -17.39 9.38 5.38
CA ASP C 62 -16.78 10.69 5.43
C ASP C 62 -16.23 11.06 6.81
N SER C 63 -16.91 10.64 7.87
CA SER C 63 -16.51 10.99 9.23
C SER C 63 -15.15 10.45 9.65
N VAL C 64 -14.60 9.48 8.92
CA VAL C 64 -13.28 8.94 9.27
C VAL C 64 -12.19 9.16 8.22
N LYS C 65 -12.58 9.78 7.11
CA LYS C 65 -11.66 10.03 5.99
C LYS C 65 -10.46 10.86 6.45
N GLY C 66 -9.26 10.38 6.17
CA GLY C 66 -8.06 11.11 6.56
C GLY C 66 -7.55 10.76 7.94
N ARG C 67 -8.37 10.08 8.75
CA ARG C 67 -7.99 9.70 10.10
C ARG C 67 -7.81 8.18 10.22
N PHE C 68 -8.69 7.41 9.56
CA PHE C 68 -8.61 5.95 9.62
C PHE C 68 -8.09 5.38 8.29
N THR C 69 -7.32 4.30 8.36
CA THR C 69 -6.85 3.66 7.13
C THR C 69 -7.09 2.18 7.24
N MET C 70 -7.75 1.58 6.26
CA MET C 70 -7.90 0.13 6.22
C MET C 70 -6.86 -0.52 5.30
N SER C 71 -6.28 -1.65 5.71
CA SER C 71 -5.32 -2.29 4.87
C SER C 71 -5.44 -3.80 5.03
N ARG C 72 -4.67 -4.53 4.22
CA ARG C 72 -4.89 -5.96 4.07
C ARG C 72 -3.58 -6.70 3.93
N ASP C 73 -3.52 -7.88 4.54
CA ASP C 73 -2.39 -8.76 4.30
C ASP C 73 -2.95 -10.16 4.03
N ASN C 74 -2.94 -10.59 2.77
CA ASN C 74 -3.68 -11.78 2.38
C ASN C 74 -2.83 -12.95 2.72
N ALA C 75 -1.57 -12.65 2.84
CA ALA C 75 -0.62 -13.72 3.22
C ALA C 75 -0.90 -14.13 4.67
N LYS C 76 -1.42 -13.19 5.46
CA LYS C 76 -1.72 -13.40 6.86
C LYS C 76 -3.21 -13.56 7.14
N ASN C 77 -4.02 -13.54 6.07
CA ASN C 77 -5.47 -13.60 6.19
C ASN C 77 -5.98 -12.55 7.17
N THR C 78 -5.51 -11.32 7.04
CA THR C 78 -5.81 -10.34 8.07
C THR C 78 -6.15 -9.00 7.44
N VAL C 79 -7.12 -8.28 7.98
CA VAL C 79 -7.27 -6.87 7.63
C VAL C 79 -7.04 -6.01 8.87
N TYR C 80 -6.68 -4.75 8.67
CA TYR C 80 -6.35 -3.88 9.80
C TYR C 80 -7.14 -2.59 9.68
N LEU C 81 -7.38 -1.91 10.81
CA LEU C 81 -7.90 -0.54 10.77
C LEU C 81 -7.00 0.31 11.63
N GLN C 82 -6.22 1.19 10.98
CA GLN C 82 -5.40 2.14 11.71
C GLN C 82 -6.24 3.37 12.00
N MET C 83 -6.47 3.64 13.28
CA MET C 83 -7.35 4.73 13.71
C MET C 83 -6.52 5.82 14.37
N ASN C 84 -6.36 6.96 13.69
CA ASN C 84 -5.59 8.07 14.25
C ASN C 84 -6.53 9.21 14.61
N SER C 85 -6.02 10.17 15.38
CA SER C 85 -6.78 11.34 15.76
C SER C 85 -8.15 10.96 16.29
N LEU C 86 -8.20 9.99 17.20
CA LEU C 86 -9.49 9.48 17.67
C LEU C 86 -10.25 10.53 18.48
N LYS C 87 -11.58 10.43 18.46
CA LYS C 87 -12.46 11.38 19.14
C LYS C 87 -13.53 10.63 19.94
N PRO C 88 -14.14 11.30 20.95
CA PRO C 88 -15.21 10.68 21.74
C PRO C 88 -16.29 10.03 20.88
N GLU C 89 -16.66 10.64 19.75
CA GLU C 89 -17.71 10.06 18.93
C GLU C 89 -17.29 8.83 18.11
N ASP C 90 -16.02 8.44 18.21
CA ASP C 90 -15.54 7.20 17.60
C ASP C 90 -15.74 6.02 18.56
N THR C 91 -16.14 6.33 19.80
CA THR C 91 -16.42 5.28 20.79
C THR C 91 -17.52 4.34 20.29
N ALA C 92 -17.24 3.05 20.18
CA ALA C 92 -18.23 2.08 19.70
C ALA C 92 -17.60 0.71 19.74
N VAL C 93 -18.42 -0.31 19.53
CA VAL C 93 -17.89 -1.64 19.22
C VAL C 93 -17.59 -1.68 17.71
N TYR C 94 -16.36 -2.08 17.35
CA TYR C 94 -15.99 -2.14 15.94
C TYR C 94 -16.01 -3.58 15.44
N TYR C 95 -16.63 -3.79 14.28
CA TYR C 95 -16.81 -5.12 13.70
C TYR C 95 -16.17 -5.22 12.31
N CYS C 96 -15.56 -6.35 12.01
CA CYS C 96 -15.17 -6.63 10.63
C CYS C 96 -16.14 -7.64 10.02
N ALA C 97 -16.39 -7.49 8.72
CA ALA C 97 -17.31 -8.38 8.02
C ALA C 97 -16.71 -8.77 6.69
N ALA C 98 -16.97 -10.00 6.26
CA ALA C 98 -16.56 -10.45 4.94
C ALA C 98 -17.76 -10.31 4.00
N ASP C 99 -17.51 -9.84 2.77
CA ASP C 99 -18.52 -9.85 1.71
C ASP C 99 -19.08 -11.26 1.53
N GLY C 100 -20.37 -11.38 1.26
CA GLY C 100 -20.97 -12.67 0.94
C GLY C 100 -20.78 -13.06 -0.52
N SER C 101 -20.40 -12.09 -1.34
CA SER C 101 -20.20 -12.32 -2.76
C SER C 101 -18.75 -12.04 -3.15
N GLN C 102 -18.21 -12.82 -4.09
CA GLN C 102 -16.81 -12.69 -4.45
C GLN C 102 -16.51 -11.53 -5.39
N TYR C 103 -15.31 -10.96 -5.26
CA TYR C 103 -14.73 -10.06 -6.24
C TYR C 103 -15.59 -8.83 -6.57
N ARG C 104 -16.17 -8.19 -5.55
CA ARG C 104 -16.97 -6.96 -5.74
C ARG C 104 -16.19 -5.69 -5.43
N SER C 105 -16.69 -4.54 -5.90
CA SER C 105 -16.10 -3.27 -5.54
C SER C 105 -16.42 -2.87 -4.10
N THR C 106 -15.69 -1.90 -3.57
CA THR C 106 -15.99 -1.35 -2.26
C THR C 106 -17.36 -0.66 -2.33
N TYR C 107 -17.66 -0.07 -3.47
CA TYR C 107 -18.95 0.61 -3.59
C TYR C 107 -20.10 -0.42 -3.54
N SER C 108 -19.94 -1.56 -4.20
CA SER C 108 -20.96 -2.61 -4.15
C SER C 108 -21.09 -3.17 -2.74
N PHE C 109 -19.95 -3.39 -2.10
CA PHE C 109 -19.94 -3.90 -0.73
C PHE C 109 -20.72 -2.97 0.22
N ARG C 110 -20.59 -1.66 0.01
CA ARG C 110 -21.19 -0.66 0.88
C ARG C 110 -22.66 -0.45 0.54
N ASP C 111 -22.97 -0.44 -0.75
CA ASP C 111 -24.28 0.03 -1.20
C ASP C 111 -25.26 -1.08 -1.55
N LYS C 112 -24.76 -2.30 -1.72
CA LYS C 112 -25.61 -3.47 -1.93
C LYS C 112 -25.16 -4.54 -0.95
N PRO C 113 -25.52 -4.37 0.33
CA PRO C 113 -24.92 -5.17 1.40
C PRO C 113 -25.17 -6.67 1.25
N ASP C 114 -24.12 -7.44 1.46
CA ASP C 114 -24.20 -8.90 1.44
C ASP C 114 -23.04 -9.33 2.32
N TYR C 115 -23.36 -9.93 3.46
CA TYR C 115 -22.32 -10.31 4.40
C TYR C 115 -22.25 -11.82 4.55
N GLY C 116 -21.04 -12.36 4.44
CA GLY C 116 -20.86 -13.79 4.50
C GLY C 116 -20.39 -14.25 5.87
N SER C 117 -19.92 -13.30 6.66
CA SER C 117 -19.33 -13.61 7.97
C SER C 117 -19.07 -12.34 8.77
N TRP C 118 -19.17 -12.43 10.10
CA TRP C 118 -18.97 -11.29 11.01
C TRP C 118 -18.04 -11.65 12.16
N GLY C 119 -17.26 -10.68 12.64
CA GLY C 119 -16.47 -10.88 13.84
C GLY C 119 -17.28 -10.68 15.10
N GLN C 120 -16.68 -10.94 16.26
CA GLN C 120 -17.34 -10.79 17.56
C GLN C 120 -17.43 -9.33 18.00
N GLY C 121 -16.51 -8.51 17.50
CA GLY C 121 -16.47 -7.09 17.84
C GLY C 121 -15.41 -6.80 18.87
N THR C 122 -14.83 -5.60 18.82
CA THR C 122 -13.89 -5.18 19.84
C THR C 122 -14.29 -3.77 20.28
N GLN C 123 -14.33 -3.54 21.59
CA GLN C 123 -14.72 -2.24 22.13
C GLN C 123 -13.62 -1.18 22.01
N VAL C 124 -13.97 -0.04 21.42
CA VAL C 124 -13.05 1.10 21.33
C VAL C 124 -13.65 2.26 22.11
N THR C 125 -12.91 2.77 23.10
CA THR C 125 -13.41 3.84 23.96
C THR C 125 -12.45 5.03 23.95
N VAL C 126 -12.97 6.21 23.61
CA VAL C 126 -12.14 7.42 23.53
C VAL C 126 -12.60 8.44 24.57
N SER C 127 -11.71 8.82 25.49
CA SER C 127 -12.04 9.82 26.50
C SER C 127 -11.90 11.24 25.95
N SER C 128 -12.73 12.16 26.44
CA SER C 128 -12.69 13.55 25.99
C SER C 128 -11.43 14.27 26.46
N GLN D 3 24.14 3.16 -8.52
CA GLN D 3 23.77 1.81 -8.11
C GLN D 3 22.26 1.58 -8.28
N LEU D 4 21.65 2.38 -9.14
CA LEU D 4 20.27 2.18 -9.51
C LEU D 4 20.20 1.69 -10.95
N GLN D 5 19.27 0.79 -11.21
CA GLN D 5 19.10 0.19 -12.53
C GLN D 5 17.62 0.12 -12.86
N GLU D 6 17.18 0.92 -13.83
CA GLU D 6 15.78 0.90 -14.26
C GLU D 6 15.52 -0.24 -15.23
N SER D 7 14.26 -0.63 -15.33
CA SER D 7 13.85 -1.50 -16.42
C SER D 7 12.35 -1.32 -16.68
N GLY D 8 11.86 -1.98 -17.72
CA GLY D 8 10.49 -1.74 -18.17
C GLY D 8 10.55 -0.60 -19.15
N GLY D 9 9.43 -0.26 -19.78
CA GLY D 9 9.47 0.83 -20.73
C GLY D 9 9.40 0.36 -22.16
N GLY D 10 9.65 1.27 -23.10
CA GLY D 10 9.47 0.95 -24.49
C GLY D 10 8.15 1.49 -25.02
N LEU D 11 7.64 0.86 -26.08
CA LEU D 11 6.45 1.35 -26.79
C LEU D 11 5.12 0.99 -26.13
N VAL D 12 4.22 1.97 -26.02
CA VAL D 12 2.85 1.71 -25.56
C VAL D 12 1.85 2.58 -26.33
N GLN D 13 0.65 2.05 -26.58
CA GLN D 13 -0.35 2.82 -27.32
C GLN D 13 -1.01 3.83 -26.39
N ALA D 14 -1.46 4.96 -26.93
CA ALA D 14 -2.11 5.98 -26.12
C ALA D 14 -3.29 5.39 -25.35
N GLY D 15 -3.45 5.79 -24.09
CA GLY D 15 -4.48 5.21 -23.25
C GLY D 15 -3.97 3.99 -22.50
N GLY D 16 -2.86 3.43 -22.96
CA GLY D 16 -2.31 2.22 -22.35
C GLY D 16 -1.53 2.42 -21.06
N SER D 17 -1.02 1.31 -20.54
CA SER D 17 -0.28 1.30 -19.29
C SER D 17 1.14 0.77 -19.50
N LEU D 18 2.06 1.25 -18.68
CA LEU D 18 3.42 0.73 -18.62
C LEU D 18 3.86 0.72 -17.16
N ARG D 19 4.71 -0.25 -16.80
CA ARG D 19 5.20 -0.39 -15.43
C ARG D 19 6.72 -0.38 -15.42
N LEU D 20 7.30 0.52 -14.64
CA LEU D 20 8.74 0.65 -14.56
C LEU D 20 9.23 0.13 -13.23
N SER D 21 10.46 -0.35 -13.19
CA SER D 21 11.04 -0.64 -11.90
C SER D 21 12.44 -0.06 -11.80
N CYS D 22 12.89 0.12 -10.58
CA CYS D 22 14.19 0.67 -10.30
C CYS D 22 14.77 -0.17 -9.18
N THR D 23 15.84 -0.93 -9.47
CA THR D 23 16.40 -1.78 -8.43
C THR D 23 17.75 -1.24 -7.98
N ALA D 24 18.01 -1.34 -6.67
CA ALA D 24 19.22 -0.80 -6.08
C ALA D 24 20.13 -1.90 -5.51
N SER D 25 21.44 -1.64 -5.55
CA SER D 25 22.40 -2.42 -4.79
C SER D 25 22.88 -1.53 -3.63
N GLY D 26 23.04 -2.11 -2.44
CA GLY D 26 23.45 -1.31 -1.29
C GLY D 26 22.59 -1.54 -0.07
N ARG D 27 23.24 -1.69 1.08
CA ARG D 27 22.54 -2.02 2.31
C ARG D 27 21.74 -0.87 2.91
N THR D 28 21.99 0.36 2.47
CA THR D 28 21.32 1.53 3.06
C THR D 28 20.13 2.07 2.25
N PHE D 29 19.76 1.38 1.17
CA PHE D 29 18.65 1.81 0.30
C PHE D 29 17.39 2.23 1.07
N SER D 30 17.03 1.43 2.08
CA SER D 30 15.75 1.63 2.77
C SER D 30 15.79 2.73 3.84
N SER D 31 16.86 3.53 3.86
CA SER D 31 16.90 4.70 4.73
C SER D 31 16.74 5.97 3.90
N TYR D 32 16.51 5.81 2.59
CA TYR D 32 16.39 6.97 1.68
C TYR D 32 15.06 7.06 0.93
N ALA D 33 14.57 8.29 0.78
CA ALA D 33 13.46 8.54 -0.12
C ALA D 33 13.96 8.27 -1.54
N MET D 34 13.03 7.91 -2.42
CA MET D 34 13.33 7.64 -3.83
C MET D 34 12.37 8.45 -4.68
N GLY D 35 12.80 8.78 -5.89
CA GLY D 35 11.94 9.53 -6.79
C GLY D 35 12.06 9.11 -8.24
N TRP D 36 11.00 9.37 -9.01
CA TRP D 36 11.04 9.23 -10.47
C TRP D 36 11.07 10.60 -11.12
N PHE D 37 11.82 10.70 -12.21
CA PHE D 37 11.89 11.92 -13.00
C PHE D 37 11.75 11.53 -14.47
N ARG D 38 11.50 12.52 -15.32
CA ARG D 38 11.47 12.27 -16.74
C ARG D 38 12.09 13.43 -17.51
N GLN D 39 12.83 13.11 -18.57
CA GLN D 39 13.52 14.12 -19.37
C GLN D 39 13.37 13.80 -20.86
N THR D 40 12.99 14.80 -21.64
CA THR D 40 12.98 14.67 -23.09
C THR D 40 14.17 15.47 -23.63
N PRO D 41 14.82 14.97 -24.69
CA PRO D 41 16.00 15.62 -25.27
C PRO D 41 15.84 17.14 -25.40
N GLY D 42 16.78 17.88 -24.83
CA GLY D 42 16.78 19.33 -24.91
C GLY D 42 15.75 20.04 -24.05
N LYS D 43 15.02 19.30 -23.21
CA LYS D 43 14.03 19.94 -22.32
C LYS D 43 14.41 19.77 -20.85
N GLU D 44 13.65 20.43 -19.98
CA GLU D 44 13.88 20.34 -18.55
C GLU D 44 13.70 18.90 -18.07
N ARG D 45 14.44 18.54 -17.03
CA ARG D 45 14.13 17.32 -16.30
C ARG D 45 12.94 17.68 -15.40
N GLU D 46 11.98 16.77 -15.29
CA GLU D 46 10.72 17.08 -14.62
C GLU D 46 10.49 16.09 -13.48
N PHE D 47 10.09 16.60 -12.32
CA PHE D 47 9.78 15.72 -11.20
C PHE D 47 8.49 14.98 -11.52
N VAL D 48 8.46 13.68 -11.25
CA VAL D 48 7.26 12.88 -11.50
C VAL D 48 6.66 12.38 -10.19
N ALA D 49 7.44 11.63 -9.41
CA ALA D 49 6.95 11.05 -8.16
C ALA D 49 8.04 10.92 -7.11
N ALA D 50 7.64 10.89 -5.84
CA ALA D 50 8.57 10.53 -4.75
C ALA D 50 7.85 9.67 -3.74
N ILE D 51 8.61 8.84 -3.02
CA ILE D 51 8.07 7.99 -1.98
C ILE D 51 9.05 7.99 -0.80
N THR D 52 8.54 7.94 0.43
CA THR D 52 9.40 7.91 1.61
C THR D 52 10.16 6.59 1.73
N TRP D 53 11.16 6.57 2.60
CA TRP D 53 12.02 5.41 2.83
C TRP D 53 11.31 4.08 3.07
N GLY D 54 10.24 4.12 3.85
CA GLY D 54 9.56 2.88 4.18
C GLY D 54 8.40 2.54 3.26
N GLY D 55 8.11 3.44 2.31
CA GLY D 55 7.11 3.17 1.29
C GLY D 55 5.68 3.65 1.54
N SER D 56 5.42 4.24 2.70
CA SER D 56 4.04 4.50 3.09
C SER D 56 3.48 5.76 2.44
N THR D 57 4.36 6.69 2.10
CA THR D 57 3.83 8.01 1.69
C THR D 57 4.38 8.49 0.35
N THR D 58 3.49 8.96 -0.53
CA THR D 58 3.87 9.33 -1.91
C THR D 58 3.52 10.77 -2.26
N LEU D 59 4.19 11.29 -3.28
CA LEU D 59 3.90 12.63 -3.80
C LEU D 59 4.04 12.65 -5.30
N TYR D 60 3.09 13.27 -6.00
CA TYR D 60 3.10 13.19 -7.45
C TYR D 60 3.00 14.58 -8.06
N ALA D 61 3.49 14.72 -9.29
CA ALA D 61 3.26 15.95 -10.05
C ALA D 61 1.79 15.97 -10.46
N ASP D 62 1.22 17.16 -10.58
CA ASP D 62 -0.17 17.26 -11.01
C ASP D 62 -0.42 16.65 -12.41
N SER D 63 0.61 16.66 -13.26
CA SER D 63 0.48 16.13 -14.62
C SER D 63 0.34 14.60 -14.68
N VAL D 64 0.63 13.93 -13.58
CA VAL D 64 0.56 12.47 -13.56
C VAL D 64 -0.34 11.98 -12.44
N LYS D 65 -0.84 12.91 -11.63
CA LYS D 65 -1.65 12.57 -10.47
C LYS D 65 -2.91 11.80 -10.89
N GLY D 66 -3.15 10.66 -10.25
CA GLY D 66 -4.34 9.87 -10.55
C GLY D 66 -4.18 8.99 -11.78
N ARG D 67 -3.01 9.06 -12.41
CA ARG D 67 -2.68 8.20 -13.54
C ARG D 67 -1.48 7.32 -13.17
N PHE D 68 -0.54 7.89 -12.42
CA PHE D 68 0.69 7.18 -12.04
C PHE D 68 0.70 6.84 -10.55
N THR D 69 1.28 5.69 -10.22
CA THR D 69 1.43 5.32 -8.82
C THR D 69 2.86 4.88 -8.60
N MET D 70 3.49 5.38 -7.54
CA MET D 70 4.81 4.91 -7.13
C MET D 70 4.67 4.00 -5.92
N SER D 71 5.41 2.89 -5.92
CA SER D 71 5.36 1.96 -4.80
C SER D 71 6.77 1.46 -4.52
N ARG D 72 6.92 0.74 -3.44
CA ARG D 72 8.24 0.37 -2.98
C ARG D 72 8.23 -1.03 -2.38
N ASP D 73 9.32 -1.76 -2.61
CA ASP D 73 9.49 -3.05 -1.96
C ASP D 73 10.91 -3.12 -1.41
N ASN D 74 11.06 -2.84 -0.13
CA ASN D 74 12.38 -2.78 0.47
C ASN D 74 13.03 -4.14 0.59
N ALA D 75 12.24 -5.20 0.59
CA ALA D 75 12.85 -6.54 0.68
C ALA D 75 13.59 -6.83 -0.62
N LYS D 76 13.14 -6.20 -1.71
CA LYS D 76 13.75 -6.41 -3.00
C LYS D 76 14.55 -5.19 -3.44
N ASN D 77 14.71 -4.23 -2.54
CA ASN D 77 15.49 -3.02 -2.82
C ASN D 77 15.03 -2.36 -4.11
N THR D 78 13.72 -2.30 -4.31
CA THR D 78 13.17 -1.86 -5.58
C THR D 78 12.04 -0.82 -5.39
N VAL D 79 11.99 0.16 -6.27
CA VAL D 79 10.78 0.99 -6.38
C VAL D 79 10.15 0.77 -7.75
N TYR D 80 8.87 1.11 -7.87
CA TYR D 80 8.13 0.88 -9.11
C TYR D 80 7.40 2.16 -9.51
N LEU D 81 7.16 2.32 -10.81
CA LEU D 81 6.25 3.37 -11.30
C LEU D 81 5.19 2.75 -12.19
N GLN D 82 3.94 2.72 -11.73
CA GLN D 82 2.85 2.22 -12.54
C GLN D 82 2.22 3.39 -13.27
N MET D 83 2.25 3.35 -14.59
CA MET D 83 1.78 4.46 -15.42
C MET D 83 0.56 4.03 -16.24
N ASN D 84 -0.63 4.47 -15.84
CA ASN D 84 -1.85 4.16 -16.60
C ASN D 84 -2.30 5.36 -17.44
N SER D 85 -3.25 5.11 -18.33
CA SER D 85 -3.83 6.16 -19.17
C SER D 85 -2.75 7.03 -19.82
N LEU D 86 -1.73 6.39 -20.37
CA LEU D 86 -0.61 7.11 -20.94
C LEU D 86 -1.01 7.90 -22.19
N LYS D 87 -0.29 9.00 -22.44
CA LYS D 87 -0.56 9.86 -23.59
C LYS D 87 0.75 10.33 -24.23
N PRO D 88 0.69 10.77 -25.49
CA PRO D 88 1.93 11.12 -26.21
C PRO D 88 2.90 12.02 -25.45
N GLU D 89 2.43 13.00 -24.68
CA GLU D 89 3.38 13.88 -24.00
C GLU D 89 3.95 13.29 -22.72
N ASP D 90 3.60 12.05 -22.42
CA ASP D 90 4.29 11.32 -21.38
C ASP D 90 5.57 10.71 -21.93
N THR D 91 5.78 10.83 -23.24
CA THR D 91 6.96 10.26 -23.88
C THR D 91 8.22 10.93 -23.37
N ALA D 92 9.14 10.14 -22.84
CA ALA D 92 10.38 10.67 -22.26
C ALA D 92 11.29 9.54 -21.77
N VAL D 93 12.54 9.88 -21.46
CA VAL D 93 13.39 8.99 -20.68
C VAL D 93 13.05 9.15 -19.20
N TYR D 94 12.77 8.03 -18.53
CA TYR D 94 12.41 8.06 -17.12
C TYR D 94 13.59 7.58 -16.27
N TYR D 95 13.88 8.32 -15.20
CA TYR D 95 15.01 8.07 -14.32
C TYR D 95 14.56 7.92 -12.87
N CYS D 96 15.17 6.99 -12.13
CA CYS D 96 14.94 6.93 -10.70
C CYS D 96 16.15 7.56 -10.01
N ALA D 97 15.92 8.20 -8.86
CA ALA D 97 17.01 8.82 -8.11
C ALA D 97 16.85 8.56 -6.63
N ALA D 98 17.96 8.29 -5.95
CA ALA D 98 17.95 8.14 -4.49
C ALA D 98 18.26 9.48 -3.83
N ASP D 99 17.60 9.74 -2.71
CA ASP D 99 17.85 10.91 -1.88
C ASP D 99 19.29 10.82 -1.37
N GLY D 100 19.98 11.95 -1.30
CA GLY D 100 21.32 11.97 -0.72
C GLY D 100 21.27 12.07 0.80
N SER D 101 20.12 12.47 1.34
CA SER D 101 19.92 12.58 2.79
C SER D 101 18.93 11.53 3.26
N GLN D 102 19.20 10.94 4.42
CA GLN D 102 18.34 9.88 4.95
C GLN D 102 17.05 10.43 5.52
N TYR D 103 15.98 9.63 5.46
CA TYR D 103 14.76 9.86 6.23
C TYR D 103 14.08 11.22 6.03
N ARG D 104 14.04 11.71 4.80
CA ARG D 104 13.34 12.95 4.49
C ARG D 104 11.92 12.70 3.98
N SER D 105 11.10 13.74 3.99
CA SER D 105 9.75 13.67 3.44
C SER D 105 9.78 13.73 1.93
N THR D 106 8.69 13.34 1.29
CA THR D 106 8.54 13.50 -0.15
C THR D 106 8.67 14.98 -0.53
N TYR D 107 8.18 15.87 0.34
CA TYR D 107 8.23 17.30 0.03
C TYR D 107 9.65 17.85 0.02
N SER D 108 10.44 17.44 1.02
CA SER D 108 11.84 17.82 1.08
C SER D 108 12.63 17.25 -0.10
N PHE D 109 12.37 15.99 -0.45
CA PHE D 109 13.03 15.38 -1.60
C PHE D 109 12.81 16.21 -2.87
N ARG D 110 11.59 16.67 -3.07
CA ARG D 110 11.23 17.44 -4.25
C ARG D 110 11.68 18.88 -4.17
N ASP D 111 11.49 19.49 -3.01
CA ASP D 111 11.65 20.94 -2.92
C ASP D 111 13.04 21.39 -2.45
N LYS D 112 13.80 20.45 -1.90
CA LYS D 112 15.19 20.72 -1.54
C LYS D 112 16.07 19.61 -2.09
N PRO D 113 16.34 19.67 -3.41
CA PRO D 113 17.00 18.58 -4.14
C PRO D 113 18.33 18.17 -3.54
N ASP D 114 18.54 16.86 -3.40
CA ASP D 114 19.81 16.30 -2.97
C ASP D 114 19.81 14.83 -3.36
N TYR D 115 20.58 14.49 -4.38
CA TYR D 115 20.58 13.14 -4.90
C TYR D 115 21.87 12.41 -4.58
N GLY D 116 21.76 11.15 -4.17
CA GLY D 116 22.92 10.34 -3.89
C GLY D 116 23.27 9.47 -5.08
N SER D 117 22.29 9.27 -5.96
CA SER D 117 22.44 8.27 -7.02
C SER D 117 21.34 8.39 -8.08
N TRP D 118 21.70 8.15 -9.34
CA TRP D 118 20.73 8.15 -10.45
C TRP D 118 20.78 6.87 -11.27
N GLY D 119 19.62 6.45 -11.77
CA GLY D 119 19.56 5.33 -12.69
C GLY D 119 20.02 5.73 -14.09
N GLN D 120 20.20 4.73 -14.96
CA GLN D 120 20.65 4.95 -16.32
C GLN D 120 19.55 5.56 -17.19
N GLY D 121 18.31 5.37 -16.75
CA GLY D 121 17.17 5.88 -17.48
C GLY D 121 16.60 4.82 -18.41
N THR D 122 15.28 4.87 -18.63
CA THR D 122 14.62 4.00 -19.60
C THR D 122 13.67 4.81 -20.48
N GLN D 123 13.75 4.61 -21.79
CA GLN D 123 12.87 5.32 -22.73
C GLN D 123 11.42 4.81 -22.69
N VAL D 124 10.47 5.73 -22.54
CA VAL D 124 9.05 5.41 -22.59
C VAL D 124 8.47 6.13 -23.79
N THR D 125 7.86 5.38 -24.71
CA THR D 125 7.36 5.98 -25.95
C THR D 125 5.86 5.69 -26.16
N VAL D 126 5.05 6.74 -26.14
CA VAL D 126 3.61 6.61 -26.25
C VAL D 126 3.14 7.02 -27.64
N SER D 127 2.52 6.07 -28.35
CA SER D 127 1.96 6.37 -29.67
C SER D 127 0.72 7.25 -29.52
N SER D 128 0.15 7.69 -30.64
CA SER D 128 -1.09 8.45 -30.62
C SER D 128 -2.15 7.84 -31.52
#